data_3OF4
#
_entry.id   3OF4
#
_cell.length_a   154.702
_cell.length_b   74.051
_cell.length_c   64.565
_cell.angle_alpha   90.000
_cell.angle_beta   112.490
_cell.angle_gamma   90.000
#
_symmetry.space_group_name_H-M   'C 1 2 1'
#
loop_
_entity.id
_entity.type
_entity.pdbx_description
1 polymer Nitroreductase
2 non-polymer 'FLAVIN MONONUCLEOTIDE'
3 non-polymer 'UNKNOWN LIGAND'
4 non-polymer 'SULFATE ION'
5 non-polymer GLYCEROL
6 non-polymer 'ACETATE ION'
7 non-polymer 'FLAVIN-ADENINE DINUCLEOTIDE'
8 water water
#
_entity_poly.entity_id   1
_entity_poly.type   'polypeptide(L)'
_entity_poly.pdbx_seq_one_letter_code
;G(MSE)YLEKLQQWRYATADFSGAHITDDVLDKLLNTTRLTASSYGLQPYCTLVIRNKGLREQLVNHSFGQQKVADSSAL
VIFAAKTGAVADIVDPYISELSQQRQLTNEEAENTRNYFTQKLQA(MSE)SAATRKEWAVRQAYIGLGTFLLAAAELEVD
SCP(MSE)EGIEHDAYDNILSLKDLGLSTVFACPVGYRSEADTTQFQKKVRQPLSRFKVVL
;
_entity_poly.pdbx_strand_id   A,B,C
#
# COMPACT_ATOMS: atom_id res chain seq x y z
N TYR A 3 21.21 24.50 -3.04
CA TYR A 3 20.92 23.53 -4.09
C TYR A 3 19.86 22.51 -3.68
N LEU A 4 19.93 22.01 -2.45
CA LEU A 4 18.95 21.04 -1.99
CA LEU A 4 18.95 21.03 -2.02
C LEU A 4 17.54 21.64 -1.95
N GLU A 5 17.43 22.95 -1.73
CA GLU A 5 16.13 23.64 -1.87
CA GLU A 5 16.11 23.61 -1.86
C GLU A 5 15.60 23.54 -3.30
N LYS A 6 16.47 23.76 -4.28
CA LYS A 6 16.09 23.65 -5.70
C LYS A 6 15.64 22.22 -6.05
N LEU A 7 16.34 21.24 -5.52
CA LEU A 7 15.97 19.81 -5.75
C LEU A 7 14.57 19.58 -5.18
N GLN A 8 14.32 20.10 -3.98
CA GLN A 8 13.00 19.96 -3.34
C GLN A 8 11.86 20.57 -4.14
N GLN A 9 12.13 21.69 -4.79
CA GLN A 9 11.15 22.38 -5.62
C GLN A 9 10.93 21.67 -6.97
N TRP A 10 11.98 21.04 -7.49
CA TRP A 10 11.93 20.32 -8.78
C TRP A 10 11.09 19.03 -8.66
N ARG A 11 11.30 18.25 -7.61
CA ARG A 11 10.62 16.98 -7.46
C ARG A 11 9.15 17.14 -7.13
N TYR A 12 8.39 16.09 -7.39
CA TYR A 12 6.96 16.05 -6.99
C TYR A 12 6.57 14.58 -6.99
N ALA A 13 5.43 14.30 -6.40
CA ALA A 13 4.91 12.93 -6.35
C ALA A 13 4.23 12.67 -7.69
N THR A 14 5.00 12.15 -8.63
CA THR A 14 4.55 11.92 -10.01
C THR A 14 3.29 11.04 -10.12
N ALA A 15 2.26 11.56 -10.75
CA ALA A 15 0.97 10.86 -10.91
C ALA A 15 0.85 10.05 -12.22
N ASP A 16 1.51 10.53 -13.27
CA ASP A 16 1.42 9.85 -14.54
C ASP A 16 2.84 9.80 -15.12
N PHE A 17 3.38 8.59 -15.20
CA PHE A 17 4.70 8.37 -15.77
C PHE A 17 4.63 8.13 -17.26
N SER A 18 5.67 8.56 -17.98
CA SER A 18 5.84 8.18 -19.37
C SER A 18 6.43 6.79 -19.47
N GLY A 19 6.44 6.28 -20.69
CA GLY A 19 7.07 4.99 -20.99
C GLY A 19 8.55 5.11 -21.31
N ALA A 20 9.19 6.24 -20.99
CA ALA A 20 10.59 6.42 -21.37
C ALA A 20 11.48 5.57 -20.45
N HIS A 21 12.49 4.92 -21.03
CA HIS A 21 13.43 4.05 -20.30
C HIS A 21 14.34 4.80 -19.33
N ILE A 22 14.42 4.33 -18.09
CA ILE A 22 15.47 4.77 -17.16
C ILE A 22 16.62 3.73 -17.25
N THR A 23 17.86 4.16 -17.47
CA THR A 23 18.96 3.20 -17.66
C THR A 23 19.43 2.64 -16.31
N ASP A 24 20.09 1.49 -16.38
CA ASP A 24 20.71 0.92 -15.20
C ASP A 24 21.76 1.82 -14.60
N ASP A 25 22.54 2.55 -15.42
CA ASP A 25 23.57 3.41 -14.87
CA ASP A 25 23.56 3.44 -14.89
C ASP A 25 22.91 4.53 -14.04
N VAL A 26 21.82 5.10 -14.54
CA VAL A 26 21.10 6.12 -13.76
C VAL A 26 20.52 5.52 -12.50
N LEU A 27 19.81 4.41 -12.62
CA LEU A 27 19.23 3.77 -11.42
C LEU A 27 20.31 3.42 -10.40
N ASP A 28 21.48 2.98 -10.86
CA ASP A 28 22.60 2.69 -9.95
C ASP A 28 23.16 3.94 -9.25
N LYS A 29 23.20 5.08 -9.93
CA LYS A 29 23.63 6.30 -9.26
C LYS A 29 22.63 6.68 -8.17
N LEU A 30 21.34 6.52 -8.46
CA LEU A 30 20.29 6.81 -7.50
C LEU A 30 20.41 5.89 -6.26
N LEU A 31 20.55 4.59 -6.50
CA LEU A 31 20.67 3.62 -5.38
C LEU A 31 21.99 3.71 -4.63
N ASN A 32 23.07 4.07 -5.33
CA ASN A 32 24.35 4.26 -4.71
C ASN A 32 24.34 5.45 -3.73
N THR A 33 23.74 6.55 -4.13
CA THR A 33 23.57 7.67 -3.19
C THR A 33 22.68 7.28 -1.99
N THR A 34 21.65 6.52 -2.25
CA THR A 34 20.70 6.11 -1.23
C THR A 34 21.42 5.17 -0.25
N ARG A 35 22.26 4.28 -0.76
CA ARG A 35 23.01 3.34 0.09
C ARG A 35 23.96 3.96 1.13
N LEU A 36 24.37 5.21 0.90
CA LEU A 36 25.27 5.92 1.78
C LEU A 36 24.52 6.59 2.96
N THR A 37 23.20 6.39 3.05
CA THR A 37 22.39 7.02 4.10
C THR A 37 22.77 6.53 5.49
N ALA A 38 22.85 7.45 6.44
CA ALA A 38 23.02 7.09 7.83
C ALA A 38 21.86 6.16 8.29
N SER A 39 22.20 5.29 9.24
CA SER A 39 21.22 4.46 9.92
C SER A 39 21.62 4.19 11.37
N SER A 40 20.63 3.82 12.16
CA SER A 40 20.79 3.46 13.53
C SER A 40 21.90 2.40 13.68
N TYR A 41 22.94 2.74 14.44
CA TYR A 41 24.15 1.90 14.63
C TYR A 41 24.94 1.57 13.34
N GLY A 42 24.58 2.21 12.23
CA GLY A 42 25.17 1.90 10.93
C GLY A 42 24.77 0.53 10.37
N LEU A 43 23.76 -0.09 10.97
CA LEU A 43 23.34 -1.44 10.61
C LEU A 43 22.50 -1.55 9.35
N GLN A 44 21.99 -0.44 8.85
CA GLN A 44 21.25 -0.41 7.59
C GLN A 44 20.33 -1.65 7.33
N PRO A 45 19.32 -1.84 8.18
CA PRO A 45 18.51 -3.06 8.17
C PRO A 45 17.42 -3.06 7.09
N TYR A 46 17.80 -2.71 5.86
CA TYR A 46 16.88 -2.67 4.74
C TYR A 46 17.64 -2.73 3.43
N CYS A 47 16.89 -2.89 2.33
CA CYS A 47 17.49 -2.87 1.03
C CYS A 47 16.45 -2.37 0.03
N THR A 48 16.88 -2.17 -1.20
CA THR A 48 15.98 -1.75 -2.27
C THR A 48 15.87 -2.84 -3.34
N LEU A 49 14.66 -3.29 -3.61
CA LEU A 49 14.42 -4.27 -4.66
C LEU A 49 14.10 -3.50 -5.92
N VAL A 50 14.65 -3.91 -7.06
CA VAL A 50 14.38 -3.26 -8.37
C VAL A 50 13.62 -4.22 -9.30
N ILE A 51 12.44 -3.82 -9.76
CA ILE A 51 11.64 -4.62 -10.66
C ILE A 51 11.25 -3.84 -11.92
N ARG A 52 11.49 -4.44 -13.08
CA ARG A 52 11.07 -3.84 -14.35
C ARG A 52 9.92 -4.59 -15.05
N ASN A 53 9.85 -5.90 -14.84
CA ASN A 53 8.82 -6.78 -15.42
C ASN A 53 7.45 -6.13 -15.41
N LYS A 54 6.81 -6.06 -16.58
CA LYS A 54 5.60 -5.28 -16.71
C LYS A 54 4.36 -6.01 -16.10
N GLY A 55 4.30 -7.32 -16.28
CA GLY A 55 3.13 -8.12 -15.91
C GLY A 55 3.04 -8.35 -14.41
N LEU A 56 4.15 -8.75 -13.80
CA LEU A 56 4.33 -8.71 -12.37
C LEU A 56 3.86 -7.42 -11.69
N ARG A 57 4.17 -6.28 -12.30
CA ARG A 57 3.82 -5.03 -11.73
C ARG A 57 2.35 -4.73 -11.96
N GLU A 58 1.79 -5.12 -13.12
CA GLU A 58 0.34 -4.97 -13.33
CA GLU A 58 0.36 -4.94 -13.33
C GLU A 58 -0.40 -5.74 -12.24
N GLN A 59 0.14 -6.88 -11.85
CA GLN A 59 -0.38 -7.61 -10.72
C GLN A 59 -0.28 -6.81 -9.40
N LEU A 60 0.86 -6.14 -9.16
CA LEU A 60 1.01 -5.37 -7.94
C LEU A 60 0.02 -4.19 -7.98
N VAL A 61 -0.26 -3.66 -9.18
CA VAL A 61 -1.29 -2.63 -9.34
C VAL A 61 -2.62 -3.07 -8.73
N ASN A 62 -2.99 -4.33 -8.96
CA ASN A 62 -4.25 -4.84 -8.45
CA ASN A 62 -4.24 -4.91 -8.42
C ASN A 62 -4.22 -4.92 -6.90
N HIS A 63 -3.03 -4.84 -6.30
CA HIS A 63 -2.90 -4.79 -4.84
C HIS A 63 -2.34 -3.44 -4.38
N SER A 64 -2.61 -2.40 -5.19
CA SER A 64 -2.21 -1.03 -4.89
C SER A 64 -3.38 -0.07 -5.09
N PHE A 65 -4.59 -0.58 -4.89
CA PHE A 65 -5.83 0.18 -5.06
C PHE A 65 -5.88 0.80 -6.44
N GLY A 66 -5.45 0.03 -7.42
CA GLY A 66 -5.51 0.44 -8.81
C GLY A 66 -4.66 1.63 -9.19
N GLN A 67 -3.59 1.87 -8.45
CA GLN A 67 -2.69 2.94 -8.84
C GLN A 67 -1.80 2.39 -9.97
N GLN A 68 -2.19 2.70 -11.20
CA GLN A 68 -1.45 2.19 -12.37
C GLN A 68 0.03 2.66 -12.46
N LYS A 69 0.39 3.76 -11.83
CA LYS A 69 1.82 4.23 -11.86
C LYS A 69 2.85 3.13 -11.47
N VAL A 70 2.44 2.15 -10.65
CA VAL A 70 3.31 1.02 -10.27
C VAL A 70 3.85 0.20 -11.45
N ALA A 71 3.02 0.06 -12.49
CA ALA A 71 3.39 -0.66 -13.73
C ALA A 71 3.86 0.25 -14.87
N ASP A 72 3.27 1.44 -15.00
CA ASP A 72 3.52 2.36 -16.12
C ASP A 72 4.96 2.93 -16.21
N SER A 73 5.56 3.13 -15.04
CA SER A 73 6.93 3.64 -14.90
C SER A 73 7.94 2.68 -15.50
N SER A 74 9.15 3.16 -15.75
CA SER A 74 10.21 2.35 -16.32
C SER A 74 10.73 1.29 -15.33
N ALA A 75 10.80 1.61 -14.05
CA ALA A 75 11.26 0.64 -13.04
C ALA A 75 10.50 0.89 -11.75
N LEU A 76 10.44 -0.13 -10.90
CA LEU A 76 9.84 0.00 -9.57
C LEU A 76 10.91 -0.32 -8.53
N VAL A 77 11.11 0.60 -7.59
CA VAL A 77 12.05 0.36 -6.49
C VAL A 77 11.21 0.09 -5.27
N ILE A 78 11.44 -1.03 -4.59
CA ILE A 78 10.70 -1.35 -3.35
C ILE A 78 11.69 -1.29 -2.21
N PHE A 79 11.44 -0.44 -1.21
CA PHE A 79 12.21 -0.47 0.00
C PHE A 79 11.67 -1.60 0.86
N ALA A 80 12.57 -2.51 1.25
CA ALA A 80 12.22 -3.71 2.02
C ALA A 80 13.07 -3.84 3.29
N ALA A 81 12.38 -3.96 4.43
CA ALA A 81 13.04 -4.05 5.73
C ALA A 81 13.47 -5.49 6.00
N LYS A 82 14.63 -5.67 6.61
CA LYS A 82 15.11 -6.97 7.02
C LYS A 82 14.35 -7.42 8.31
N THR A 83 13.53 -8.45 8.15
CA THR A 83 12.62 -8.88 9.20
C THR A 83 12.76 -10.37 9.51
N GLY A 84 13.88 -10.97 9.09
CA GLY A 84 14.12 -12.38 9.32
C GLY A 84 15.12 -12.57 10.47
N ALA A 85 16.13 -13.41 10.23
CA ALA A 85 17.12 -13.71 11.25
C ALA A 85 17.95 -12.47 11.57
N VAL A 86 18.17 -12.24 12.85
CA VAL A 86 19.02 -11.16 13.29
C VAL A 86 20.38 -11.25 12.62
N ALA A 87 20.88 -12.48 12.38
CA ALA A 87 22.18 -12.65 11.75
C ALA A 87 22.23 -11.97 10.39
N ASP A 88 21.11 -11.89 9.68
CA ASP A 88 21.12 -11.30 8.35
C ASP A 88 21.23 -9.77 8.37
N ILE A 89 21.08 -9.16 9.53
CA ILE A 89 21.32 -7.72 9.73
C ILE A 89 22.76 -7.56 10.23
N VAL A 90 23.11 -8.33 11.26
CA VAL A 90 24.37 -8.14 11.95
C VAL A 90 25.58 -8.59 11.12
N ASP A 91 25.51 -9.76 10.52
CA ASP A 91 26.71 -10.35 9.86
C ASP A 91 27.21 -9.51 8.67
N PRO A 92 26.29 -9.06 7.78
CA PRO A 92 26.78 -8.24 6.69
C PRO A 92 27.46 -6.94 7.16
N TYR A 93 26.94 -6.32 8.22
CA TYR A 93 27.58 -5.18 8.82
C TYR A 93 28.99 -5.50 9.29
N ILE A 94 29.15 -6.54 10.10
CA ILE A 94 30.48 -6.89 10.63
C ILE A 94 31.47 -7.18 9.50
N SER A 95 30.99 -7.81 8.43
CA SER A 95 31.85 -8.13 7.30
CA SER A 95 31.85 -8.11 7.27
C SER A 95 32.43 -6.85 6.69
N GLU A 96 31.57 -5.88 6.42
CA GLU A 96 32.02 -4.59 5.86
C GLU A 96 32.85 -3.77 6.89
N LEU A 97 32.41 -3.74 8.15
CA LEU A 97 33.16 -3.06 9.21
C LEU A 97 34.58 -3.59 9.35
N SER A 98 34.70 -4.92 9.35
CA SER A 98 35.97 -5.58 9.54
CA SER A 98 35.97 -5.56 9.54
C SER A 98 36.93 -5.25 8.40
N GLN A 99 36.40 -5.26 7.18
CA GLN A 99 37.19 -4.98 5.99
C GLN A 99 37.66 -3.51 5.94
N GLN A 100 36.75 -2.59 6.23
CA GLN A 100 37.04 -1.14 6.08
C GLN A 100 37.94 -0.60 7.19
N ARG A 101 37.72 -1.05 8.42
CA ARG A 101 38.46 -0.56 9.58
C ARG A 101 39.50 -1.53 10.07
N GLN A 102 39.74 -2.61 9.31
CA GLN A 102 40.78 -3.55 9.62
C GLN A 102 40.74 -4.10 11.05
N LEU A 103 39.60 -4.58 11.50
CA LEU A 103 39.50 -5.10 12.86
C LEU A 103 40.19 -6.45 12.99
N THR A 104 40.69 -6.74 14.20
CA THR A 104 41.17 -8.09 14.52
C THR A 104 39.95 -9.01 14.61
N ASN A 105 40.17 -10.32 14.48
CA ASN A 105 39.11 -11.32 14.62
CA ASN A 105 39.08 -11.26 14.58
C ASN A 105 38.39 -11.13 15.94
N GLU A 106 39.17 -10.90 17.00
CA GLU A 106 38.61 -10.69 18.36
C GLU A 106 37.67 -9.52 18.45
N GLU A 107 38.06 -8.38 17.86
CA GLU A 107 37.23 -7.17 17.82
C GLU A 107 35.99 -7.42 16.99
N ALA A 108 36.12 -8.12 15.86
CA ALA A 108 34.96 -8.35 14.99
C ALA A 108 33.93 -9.20 15.73
N GLU A 109 34.40 -10.29 16.37
CA GLU A 109 33.50 -11.16 17.15
C GLU A 109 32.89 -10.43 18.32
N ASN A 110 33.67 -9.66 19.07
CA ASN A 110 33.06 -8.87 20.15
C ASN A 110 31.99 -7.89 19.67
N THR A 111 32.23 -7.24 18.55
CA THR A 111 31.26 -6.34 17.98
C THR A 111 30.05 -7.07 17.41
N ARG A 112 30.25 -8.18 16.70
CA ARG A 112 29.12 -9.06 16.33
C ARG A 112 28.27 -9.37 17.57
N ASN A 113 28.90 -9.84 18.63
CA ASN A 113 28.16 -10.27 19.82
C ASN A 113 27.40 -9.10 20.45
N TYR A 114 28.03 -7.93 20.43
CA TYR A 114 27.38 -6.71 20.94
C TYR A 114 26.09 -6.48 20.16
N PHE A 115 26.15 -6.47 18.84
CA PHE A 115 24.93 -6.21 18.06
C PHE A 115 23.83 -7.31 18.11
N THR A 116 24.21 -8.58 18.23
CA THR A 116 23.26 -9.67 18.21
C THR A 116 22.43 -9.58 19.48
N GLN A 117 23.10 -9.36 20.60
CA GLN A 117 22.48 -9.18 21.90
C GLN A 117 21.47 -8.02 21.87
N LYS A 118 21.89 -6.90 21.32
CA LYS A 118 21.06 -5.71 21.24
C LYS A 118 19.77 -5.93 20.43
N LEU A 119 19.94 -6.54 19.27
CA LEU A 119 18.80 -6.78 18.38
C LEU A 119 17.87 -7.86 18.93
N GLN A 120 18.43 -8.87 19.60
CA GLN A 120 17.63 -9.94 20.21
C GLN A 120 16.83 -9.47 21.44
N ALA A 121 17.31 -8.41 22.09
CA ALA A 121 16.59 -7.85 23.24
C ALA A 121 15.28 -7.15 22.77
N SER A 123 11.72 -7.18 20.82
CA SER A 123 10.76 -8.11 20.25
C SER A 123 10.81 -8.10 18.73
N ALA A 124 10.32 -9.16 18.09
CA ALA A 124 10.29 -9.16 16.62
C ALA A 124 9.54 -7.94 16.04
N ALA A 125 8.45 -7.52 16.68
CA ALA A 125 7.66 -6.39 16.19
C ALA A 125 8.46 -5.11 16.33
N THR A 126 9.08 -4.93 17.49
CA THR A 126 9.87 -3.72 17.76
C THR A 126 11.05 -3.61 16.78
N ARG A 127 11.70 -4.73 16.51
CA ARG A 127 12.87 -4.76 15.64
C ARG A 127 12.43 -4.48 14.21
N LYS A 128 11.26 -4.98 13.83
CA LYS A 128 10.78 -4.71 12.50
C LYS A 128 10.53 -3.24 12.30
N GLU A 129 9.85 -2.60 13.26
CA GLU A 129 9.52 -1.14 13.11
C GLU A 129 10.78 -0.30 13.22
N TRP A 130 11.76 -0.76 14.00
CA TRP A 130 13.11 -0.12 13.99
C TRP A 130 13.70 -0.10 12.60
N ALA A 131 13.61 -1.23 11.91
CA ALA A 131 14.18 -1.33 10.58
C ALA A 131 13.41 -0.50 9.56
N VAL A 132 12.09 -0.50 9.69
CA VAL A 132 11.19 0.31 8.86
C VAL A 132 11.58 1.81 8.95
N ARG A 133 11.81 2.29 10.17
CA ARG A 133 12.19 3.67 10.42
C ARG A 133 13.47 4.02 9.69
N GLN A 134 14.47 3.14 9.70
CA GLN A 134 15.70 3.36 8.96
C GLN A 134 15.45 3.48 7.47
N ALA A 135 14.53 2.70 6.96
CA ALA A 135 14.21 2.73 5.53
C ALA A 135 13.64 4.10 5.12
N TYR A 136 12.85 4.70 6.01
CA TYR A 136 12.25 6.01 5.75
C TYR A 136 13.31 7.09 5.68
N ILE A 137 14.39 6.93 6.45
CA ILE A 137 15.56 7.86 6.26
C ILE A 137 16.11 7.73 4.82
N GLY A 138 16.25 6.50 4.37
CA GLY A 138 16.76 6.22 3.03
C GLY A 138 15.83 6.77 1.95
N LEU A 139 14.52 6.78 2.20
CA LEU A 139 13.58 7.44 1.27
C LEU A 139 13.86 8.96 1.14
N GLY A 140 14.16 9.60 2.24
CA GLY A 140 14.50 11.01 2.21
C GLY A 140 15.68 11.25 1.30
N THR A 141 16.71 10.42 1.42
CA THR A 141 17.84 10.54 0.51
C THR A 141 17.43 10.28 -0.94
N PHE A 142 16.70 9.20 -1.13
CA PHE A 142 16.31 8.73 -2.50
C PHE A 142 15.52 9.82 -3.26
N LEU A 143 14.60 10.50 -2.59
CA LEU A 143 13.79 11.54 -3.22
C LEU A 143 14.67 12.70 -3.74
N LEU A 144 15.64 13.14 -2.96
CA LEU A 144 16.60 14.15 -3.39
C LEU A 144 17.60 13.67 -4.48
N ALA A 145 18.09 12.44 -4.35
CA ALA A 145 18.97 11.85 -5.34
C ALA A 145 18.27 11.76 -6.68
N ALA A 146 17.01 11.34 -6.67
CA ALA A 146 16.21 11.29 -7.90
C ALA A 146 16.12 12.68 -8.51
N ALA A 147 15.81 13.70 -7.68
CA ALA A 147 15.75 15.09 -8.12
C ALA A 147 17.04 15.54 -8.76
N GLU A 148 18.17 15.25 -8.10
CA GLU A 148 19.44 15.64 -8.68
C GLU A 148 19.59 15.02 -10.09
N LEU A 149 19.18 13.78 -10.27
CA LEU A 149 19.31 13.12 -11.59
C LEU A 149 18.17 13.46 -12.55
N GLU A 150 17.25 14.31 -12.11
CA GLU A 150 16.06 14.67 -12.89
C GLU A 150 15.32 13.40 -13.29
N VAL A 151 15.22 12.50 -12.34
CA VAL A 151 14.41 11.29 -12.43
C VAL A 151 13.15 11.52 -11.61
N ASP A 152 12.02 11.20 -12.20
CA ASP A 152 10.77 11.34 -11.52
C ASP A 152 10.50 10.08 -10.74
N SER A 153 9.72 10.24 -9.68
CA SER A 153 9.38 9.19 -8.75
C SER A 153 8.05 9.49 -8.02
N CYS A 154 7.54 8.50 -7.28
CA CYS A 154 6.43 8.74 -6.38
C CYS A 154 6.56 7.73 -5.27
N PRO A 155 6.76 8.18 -4.05
CA PRO A 155 6.72 7.22 -2.91
C PRO A 155 5.30 6.71 -2.74
N GLU A 157 2.85 4.34 -0.05
CA GLU A 157 2.40 3.57 1.11
C GLU A 157 1.03 2.97 0.85
N GLY A 158 0.32 3.47 -0.14
CA GLY A 158 -1.02 2.93 -0.45
C GLY A 158 -0.94 1.65 -1.26
N ILE A 159 -0.38 0.64 -0.62
CA ILE A 159 -0.22 -0.67 -1.21
C ILE A 159 -0.67 -1.68 -0.17
N GLU A 160 -1.08 -2.88 -0.62
CA GLU A 160 -1.35 -3.99 0.31
C GLU A 160 -0.03 -4.68 0.61
N HIS A 161 0.53 -4.42 1.79
CA HIS A 161 1.88 -4.79 2.08
C HIS A 161 2.06 -6.30 2.13
N ASP A 162 1.12 -6.99 2.75
CA ASP A 162 1.22 -8.43 2.90
C ASP A 162 1.09 -9.10 1.52
N ALA A 163 0.23 -8.56 0.66
CA ALA A 163 0.12 -9.06 -0.73
C ALA A 163 1.43 -8.89 -1.53
N TYR A 164 2.08 -7.74 -1.41
CA TYR A 164 3.38 -7.51 -2.08
C TYR A 164 4.37 -8.61 -1.65
N ASP A 165 4.45 -8.85 -0.35
CA ASP A 165 5.38 -9.84 0.19
C ASP A 165 5.06 -11.26 -0.32
N ASN A 166 3.77 -11.61 -0.36
CA ASN A 166 3.31 -12.89 -0.90
C ASN A 166 3.76 -13.00 -2.37
N ILE A 167 3.32 -12.02 -3.17
CA ILE A 167 3.50 -12.02 -4.61
C ILE A 167 4.99 -12.08 -4.98
N LEU A 168 5.82 -11.31 -4.28
CA LEU A 168 7.27 -11.27 -4.52
C LEU A 168 8.12 -12.28 -3.70
N SER A 169 7.47 -13.15 -2.92
CA SER A 169 8.17 -14.23 -2.17
C SER A 169 9.16 -13.70 -1.15
N LEU A 170 8.79 -12.63 -0.46
CA LEU A 170 9.78 -11.94 0.34
C LEU A 170 10.07 -12.63 1.67
N LYS A 171 9.12 -13.39 2.20
CA LYS A 171 9.35 -14.06 3.48
C LYS A 171 10.55 -14.97 3.37
N ASP A 172 10.69 -15.66 2.24
CA ASP A 172 11.84 -16.54 2.00
C ASP A 172 13.17 -15.83 2.00
N LEU A 173 13.18 -14.54 1.65
CA LEU A 173 14.41 -13.71 1.73
C LEU A 173 14.57 -12.95 3.07
N GLY A 174 13.60 -13.10 3.98
CA GLY A 174 13.65 -12.37 5.25
C GLY A 174 13.44 -10.88 5.08
N LEU A 175 12.56 -10.50 4.16
CA LEU A 175 12.24 -9.10 3.86
C LEU A 175 10.74 -8.82 3.96
N SER A 176 10.42 -7.58 4.33
CA SER A 176 9.03 -7.07 4.38
C SER A 176 8.96 -5.75 3.64
N THR A 177 8.02 -5.65 2.71
CA THR A 177 7.80 -4.43 1.98
C THR A 177 7.42 -3.27 2.90
N VAL A 178 8.11 -2.16 2.73
CA VAL A 178 7.81 -0.96 3.49
C VAL A 178 6.98 0.00 2.67
N PHE A 179 7.55 0.39 1.53
CA PHE A 179 6.87 1.24 0.56
C PHE A 179 7.51 0.99 -0.80
N ALA A 180 6.81 1.42 -1.82
CA ALA A 180 7.22 1.25 -3.22
C ALA A 180 7.45 2.64 -3.86
N CYS A 181 8.35 2.68 -4.84
CA CYS A 181 8.67 3.93 -5.52
CA CYS A 181 8.66 3.90 -5.51
C CYS A 181 8.88 3.70 -7.02
N PRO A 182 7.83 3.91 -7.82
CA PRO A 182 8.10 3.87 -9.28
C PRO A 182 9.06 4.99 -9.66
N VAL A 183 9.95 4.72 -10.60
CA VAL A 183 10.91 5.68 -11.09
C VAL A 183 10.90 5.70 -12.62
N GLY A 184 11.24 6.85 -13.18
CA GLY A 184 11.24 7.04 -14.61
C GLY A 184 11.18 8.51 -14.94
N TYR A 185 10.37 8.84 -15.94
CA TYR A 185 10.25 10.22 -16.38
C TYR A 185 8.77 10.52 -16.52
N ARG A 186 8.34 11.65 -15.94
CA ARG A 186 6.93 12.07 -16.01
C ARG A 186 6.43 12.16 -17.45
N SER A 187 5.14 11.94 -17.63
CA SER A 187 4.47 12.27 -18.88
C SER A 187 4.15 13.78 -18.91
N GLU A 188 4.26 14.39 -20.07
CA GLU A 188 3.77 15.76 -20.26
C GLU A 188 2.28 15.82 -19.94
N ALA A 189 1.57 14.68 -20.04
CA ALA A 189 0.13 14.61 -19.74
C ALA A 189 -0.20 14.68 -18.22
N ASP A 190 0.81 14.60 -17.34
CA ASP A 190 0.59 14.77 -15.88
C ASP A 190 0.35 16.21 -15.49
N THR A 191 -0.92 16.57 -15.36
CA THR A 191 -1.31 17.94 -15.00
C THR A 191 -0.89 18.32 -13.57
N THR A 192 -0.64 17.34 -12.71
CA THR A 192 -0.28 17.65 -11.31
C THR A 192 1.11 18.26 -11.17
N GLN A 193 1.96 18.11 -12.18
CA GLN A 193 3.30 18.72 -12.16
C GLN A 193 3.26 20.25 -12.15
N PHE A 194 2.15 20.81 -12.63
CA PHE A 194 2.00 22.27 -12.73
C PHE A 194 1.34 22.91 -11.50
N GLN A 195 0.85 22.09 -10.58
CA GLN A 195 0.23 22.59 -9.36
C GLN A 195 1.26 23.16 -8.38
N LYS A 196 0.86 24.21 -7.65
CA LYS A 196 1.71 24.77 -6.58
C LYS A 196 1.93 23.74 -5.48
N LYS A 197 3.19 23.62 -5.06
CA LYS A 197 3.58 22.72 -4.02
C LYS A 197 3.12 23.31 -2.69
N VAL A 198 2.51 22.47 -1.85
CA VAL A 198 1.98 22.82 -0.54
C VAL A 198 2.82 22.25 0.61
N ARG A 199 3.33 23.15 1.45
CA ARG A 199 4.07 22.79 2.65
C ARG A 199 3.72 23.76 3.73
N GLN A 200 3.73 23.31 4.97
CA GLN A 200 3.43 24.27 5.98
CA GLN A 200 3.50 24.18 6.13
C GLN A 200 4.61 25.24 6.15
N PRO A 201 4.30 26.48 6.54
CA PRO A 201 5.32 27.52 6.60
C PRO A 201 6.32 27.28 7.74
N LEU A 202 7.52 27.86 7.61
CA LEU A 202 8.54 27.69 8.61
C LEU A 202 8.06 28.10 10.01
N SER A 203 7.21 29.13 10.06
CA SER A 203 6.64 29.63 11.31
C SER A 203 5.88 28.57 12.10
N ARG A 204 5.41 27.52 11.43
CA ARG A 204 4.78 26.35 12.08
C ARG A 204 5.68 25.14 12.20
N PHE A 205 6.47 24.89 11.17
CA PHE A 205 7.35 23.73 11.16
C PHE A 205 8.45 23.80 12.24
N LYS A 206 9.00 24.99 12.45
CA LYS A 206 10.09 25.26 13.43
C LYS A 206 9.44 25.84 14.65
N VAL A 207 9.60 25.21 15.78
CA VAL A 207 9.14 25.73 17.04
C VAL A 207 10.39 25.95 17.89
N VAL A 208 10.66 27.21 18.24
CA VAL A 208 11.80 27.53 19.08
C VAL A 208 11.33 27.48 20.51
N LEU A 209 11.92 26.62 21.32
CA LEU A 209 11.60 26.61 22.72
C LEU A 209 12.57 27.59 23.43
N TYR B 3 26.69 15.38 -6.67
CA TYR B 3 26.83 16.24 -5.51
C TYR B 3 26.32 15.64 -4.21
N LEU B 4 25.17 14.97 -4.25
CA LEU B 4 24.64 14.36 -3.04
CA LEU B 4 24.65 14.36 -3.03
C LEU B 4 25.55 13.25 -2.50
N GLU B 5 26.29 12.58 -3.39
CA GLU B 5 27.27 11.57 -2.95
CA GLU B 5 27.27 11.56 -2.97
C GLU B 5 28.41 12.25 -2.21
N LYS B 6 28.82 13.40 -2.69
CA LYS B 6 29.88 14.15 -2.00
CA LYS B 6 29.84 14.21 -2.03
C LYS B 6 29.39 14.62 -0.62
N LEU B 7 28.14 15.07 -0.52
CA LEU B 7 27.55 15.40 0.76
C LEU B 7 27.48 14.20 1.73
N GLN B 8 27.08 13.04 1.23
CA GLN B 8 27.09 11.81 2.02
C GLN B 8 28.45 11.46 2.61
N GLN B 9 29.53 11.73 1.87
CA GLN B 9 30.89 11.43 2.31
C GLN B 9 31.44 12.47 3.32
N TRP B 10 30.98 13.71 3.21
CA TRP B 10 31.42 14.79 4.11
C TRP B 10 30.84 14.60 5.54
N ARG B 11 29.56 14.24 5.63
CA ARG B 11 28.90 14.21 6.94
C ARG B 11 29.36 13.00 7.69
N TYR B 12 29.11 13.03 8.99
CA TYR B 12 29.32 11.88 9.83
C TYR B 12 28.58 12.13 11.17
N ALA B 13 28.40 11.06 11.94
CA ALA B 13 27.76 11.11 13.27
C ALA B 13 28.73 11.74 14.26
N THR B 14 28.77 13.08 14.27
CA THR B 14 29.70 13.84 15.09
C THR B 14 29.64 13.44 16.56
N ALA B 15 30.83 13.22 17.12
CA ALA B 15 31.03 12.73 18.45
C ALA B 15 31.40 13.88 19.35
N ASP B 16 32.13 14.89 18.85
CA ASP B 16 32.61 16.01 19.68
CA ASP B 16 32.52 16.01 19.70
C ASP B 16 32.45 17.31 18.88
N PHE B 17 31.70 18.27 19.42
CA PHE B 17 31.47 19.56 18.77
C PHE B 17 32.36 20.62 19.39
N SER B 18 32.70 21.62 18.60
CA SER B 18 33.44 22.80 19.11
C SER B 18 32.47 23.71 19.84
N GLY B 19 33.00 24.76 20.43
CA GLY B 19 32.16 25.80 21.03
C GLY B 19 31.66 26.84 20.04
N ALA B 20 31.91 26.64 18.75
CA ALA B 20 31.52 27.63 17.74
C ALA B 20 29.97 27.77 17.76
N HIS B 21 29.47 28.99 17.56
CA HIS B 21 28.04 29.34 17.52
CA HIS B 21 28.02 29.20 17.57
C HIS B 21 27.52 28.95 16.13
N ILE B 22 26.26 28.54 16.03
CA ILE B 22 25.58 28.35 14.74
C ILE B 22 24.55 29.49 14.65
N THR B 23 24.56 30.23 13.54
CA THR B 23 23.68 31.39 13.43
C THR B 23 22.24 30.94 13.20
N ASP B 24 21.30 31.82 13.52
CA ASP B 24 19.88 31.60 13.16
C ASP B 24 19.63 31.51 11.65
N ASP B 25 20.30 32.35 10.85
CA ASP B 25 20.22 32.23 9.40
CA ASP B 25 20.25 32.24 9.38
C ASP B 25 20.58 30.81 8.91
N VAL B 26 21.67 30.24 9.39
CA VAL B 26 22.08 28.88 8.96
C VAL B 26 21.05 27.81 9.39
N LEU B 27 20.66 27.87 10.65
CA LEU B 27 19.69 26.91 11.18
C LEU B 27 18.35 27.08 10.43
N ASP B 28 18.00 28.31 10.09
CA ASP B 28 16.76 28.53 9.32
C ASP B 28 16.87 27.94 7.91
N LYS B 29 18.04 28.03 7.31
CA LYS B 29 18.22 27.42 5.99
C LYS B 29 18.11 25.90 6.08
N LEU B 30 18.71 25.32 7.12
CA LEU B 30 18.68 23.91 7.35
C LEU B 30 17.24 23.42 7.57
N LEU B 31 16.48 24.14 8.39
CA LEU B 31 15.12 23.67 8.72
C LEU B 31 14.17 24.00 7.57
N ASN B 32 14.43 25.07 6.83
CA ASN B 32 13.62 25.38 5.65
C ASN B 32 13.76 24.31 4.57
N THR B 33 14.97 23.82 4.35
CA THR B 33 15.14 22.72 3.39
C THR B 33 14.43 21.44 3.89
N THR B 34 14.50 21.18 5.19
CA THR B 34 13.84 20.02 5.81
C THR B 34 12.31 20.12 5.64
N ARG B 35 11.79 21.33 5.84
CA ARG B 35 10.36 21.62 5.74
C ARG B 35 9.75 21.25 4.40
N LEU B 36 10.55 21.25 3.33
CA LEU B 36 10.05 20.97 2.00
C LEU B 36 10.00 19.45 1.69
N THR B 37 10.32 18.62 2.68
CA THR B 37 10.31 17.19 2.49
C THR B 37 8.91 16.66 2.23
N ALA B 38 8.83 15.72 1.29
CA ALA B 38 7.58 14.99 1.04
C ALA B 38 7.13 14.22 2.28
N SER B 39 5.81 14.14 2.42
CA SER B 39 5.19 13.37 3.49
C SER B 39 3.92 12.72 3.00
N SER B 40 3.52 11.67 3.70
CA SER B 40 2.25 10.99 3.43
C SER B 40 1.07 11.95 3.37
N TYR B 41 0.33 11.89 2.26
CA TYR B 41 -0.79 12.78 1.93
C TYR B 41 -0.45 14.26 1.99
N GLY B 42 0.84 14.58 2.08
CA GLY B 42 1.30 15.96 2.28
C GLY B 42 1.01 16.54 3.68
N LEU B 43 0.67 15.66 4.63
CA LEU B 43 0.16 16.12 5.93
C LEU B 43 1.22 16.55 6.91
N GLN B 44 2.50 16.26 6.62
CA GLN B 44 3.63 16.71 7.45
C GLN B 44 3.33 16.68 8.93
N PRO B 45 3.09 15.48 9.46
CA PRO B 45 2.63 15.34 10.85
C PRO B 45 3.78 15.36 11.90
N TYR B 46 4.68 16.29 11.76
CA TYR B 46 5.80 16.47 12.67
C TYR B 46 6.35 17.90 12.56
N CYS B 47 7.17 18.28 13.53
CA CYS B 47 7.85 19.55 13.46
CA CYS B 47 7.79 19.60 13.61
C CYS B 47 9.24 19.43 14.05
N THR B 48 10.02 20.50 13.95
CA THR B 48 11.37 20.47 14.45
C THR B 48 11.43 21.53 15.58
N LEU B 49 11.86 21.10 16.76
CA LEU B 49 11.94 22.00 17.89
C LEU B 49 13.40 22.44 17.91
N VAL B 50 13.65 23.70 18.27
CA VAL B 50 15.03 24.21 18.41
C VAL B 50 15.23 24.61 19.89
N ILE B 51 16.30 24.11 20.51
CA ILE B 51 16.63 24.49 21.88
C ILE B 51 18.11 24.92 21.89
N ARG B 52 18.36 26.10 22.40
CA ARG B 52 19.75 26.54 22.66
C ARG B 52 20.06 26.57 24.17
N ASN B 53 19.05 26.89 24.99
CA ASN B 53 19.28 27.13 26.42
C ASN B 53 20.17 26.02 27.03
N LYS B 54 21.30 26.39 27.63
CA LYS B 54 22.28 25.40 28.13
C LYS B 54 21.75 24.58 29.32
N GLY B 55 21.18 25.23 30.32
CA GLY B 55 20.55 24.56 31.47
C GLY B 55 19.55 23.46 31.08
N LEU B 56 18.62 23.80 30.19
CA LEU B 56 17.63 22.83 29.72
C LEU B 56 18.30 21.64 29.04
N ARG B 57 19.31 21.92 28.22
CA ARG B 57 20.00 20.85 27.52
C ARG B 57 20.83 19.95 28.42
N GLU B 58 21.38 20.52 29.49
CA GLU B 58 22.12 19.73 30.46
C GLU B 58 21.20 18.75 31.15
N GLN B 59 19.95 19.16 31.37
CA GLN B 59 18.91 18.27 31.90
C GLN B 59 18.66 17.09 30.93
N LEU B 60 18.59 17.39 29.64
CA LEU B 60 18.41 16.35 28.63
C LEU B 60 19.58 15.34 28.53
N VAL B 61 20.82 15.81 28.74
CA VAL B 61 21.98 14.90 28.85
C VAL B 61 21.71 13.76 29.84
N ASN B 62 21.19 14.11 31.02
CA ASN B 62 20.87 13.13 32.06
C ASN B 62 19.81 12.12 31.62
N HIS B 63 19.02 12.47 30.58
CA HIS B 63 18.03 11.57 29.97
C HIS B 63 18.40 11.17 28.56
N SER B 64 19.71 11.25 28.27
CA SER B 64 20.31 10.83 26.98
C SER B 64 21.49 9.89 27.25
N PHE B 65 21.40 9.15 28.35
CA PHE B 65 22.38 8.15 28.72
C PHE B 65 23.78 8.73 28.82
N GLY B 66 23.86 9.97 29.33
CA GLY B 66 25.13 10.64 29.58
C GLY B 66 25.80 11.18 28.33
N GLN B 67 25.08 11.21 27.19
CA GLN B 67 25.68 11.70 25.97
C GLN B 67 25.75 13.24 26.02
N GLN B 68 26.94 13.75 26.35
CA GLN B 68 27.13 15.19 26.60
C GLN B 68 26.87 16.08 25.39
N LYS B 69 27.03 15.51 24.20
CA LYS B 69 26.92 16.30 22.99
C LYS B 69 25.51 16.92 22.81
N VAL B 70 24.54 16.38 23.54
CA VAL B 70 23.20 16.93 23.55
C VAL B 70 23.22 18.40 24.00
N ALA B 71 24.11 18.74 24.92
CA ALA B 71 24.27 20.10 25.41
C ALA B 71 25.51 20.78 24.83
N ASP B 72 26.56 20.01 24.59
CA ASP B 72 27.86 20.57 24.16
C ASP B 72 27.87 20.61 22.65
N SER B 73 27.00 21.46 22.09
CA SER B 73 26.86 21.69 20.66
C SER B 73 26.21 23.08 20.54
N SER B 74 26.20 23.65 19.34
CA SER B 74 25.71 25.03 19.16
C SER B 74 24.21 25.13 19.48
N ALA B 75 23.46 24.15 19.01
CA ALA B 75 22.01 24.09 19.23
C ALA B 75 21.57 22.62 19.19
N LEU B 76 20.33 22.39 19.62
CA LEU B 76 19.73 21.07 19.56
C LEU B 76 18.48 21.15 18.76
N VAL B 77 18.34 20.27 17.79
CA VAL B 77 17.10 20.13 17.07
C VAL B 77 16.45 18.84 17.51
N ILE B 78 15.17 18.89 17.83
CA ILE B 78 14.40 17.70 18.16
C ILE B 78 13.32 17.53 17.12
N PHE B 79 13.18 16.34 16.53
CA PHE B 79 12.08 16.07 15.66
C PHE B 79 11.01 15.50 16.52
N ALA B 80 9.81 16.06 16.43
CA ALA B 80 8.67 15.67 17.27
C ALA B 80 7.47 15.38 16.39
N ALA B 81 6.82 14.25 16.63
CA ALA B 81 5.64 13.87 15.82
C ALA B 81 4.42 14.45 16.46
N LYS B 82 3.42 14.78 15.64
CA LYS B 82 2.14 15.22 16.13
C LYS B 82 1.36 14.01 16.60
N THR B 83 1.02 13.99 17.88
CA THR B 83 0.39 12.82 18.53
C THR B 83 -0.83 13.22 19.35
N GLY B 84 -1.39 14.38 19.05
CA GLY B 84 -2.48 14.95 19.79
C GLY B 84 -3.74 14.91 18.95
N ALA B 85 -4.49 16.00 19.00
CA ALA B 85 -5.71 16.13 18.24
C ALA B 85 -5.48 15.93 16.72
N VAL B 86 -6.34 15.16 16.07
CA VAL B 86 -6.27 15.04 14.61
C VAL B 86 -6.34 16.43 13.92
N ALA B 87 -7.12 17.32 14.47
CA ALA B 87 -7.25 18.67 13.94
C ALA B 87 -5.92 19.42 13.88
N ASP B 88 -4.96 19.11 14.77
CA ASP B 88 -3.71 19.83 14.77
C ASP B 88 -2.87 19.37 13.57
N ILE B 89 -3.15 18.20 13.02
CA ILE B 89 -2.51 17.73 11.77
C ILE B 89 -3.27 18.25 10.53
N VAL B 90 -4.59 18.11 10.54
CA VAL B 90 -5.37 18.41 9.35
C VAL B 90 -5.56 19.91 9.06
N ASP B 91 -5.93 20.70 10.08
CA ASP B 91 -6.28 22.09 9.84
C ASP B 91 -5.15 22.91 9.24
N PRO B 92 -3.92 22.80 9.80
CA PRO B 92 -2.84 23.62 9.26
C PRO B 92 -2.50 23.31 7.80
N TYR B 93 -2.71 22.05 7.38
CA TYR B 93 -2.55 21.65 6.00
C TYR B 93 -3.64 22.23 5.10
N ILE B 94 -4.90 22.09 5.51
CA ILE B 94 -6.02 22.67 4.77
C ILE B 94 -5.86 24.17 4.55
N SER B 95 -5.34 24.89 5.55
CA SER B 95 -5.16 26.32 5.43
C SER B 95 -4.15 26.63 4.34
N GLU B 96 -3.01 25.95 4.37
CA GLU B 96 -2.01 26.09 3.32
C GLU B 96 -2.54 25.64 1.95
N LEU B 97 -3.12 24.44 1.88
CA LEU B 97 -3.72 23.94 0.63
C LEU B 97 -4.73 24.97 0.05
N SER B 98 -5.65 25.44 0.89
CA SER B 98 -6.64 26.46 0.50
C SER B 98 -6.01 27.70 -0.12
N GLN B 99 -5.03 28.26 0.58
CA GLN B 99 -4.30 29.44 0.13
CA GLN B 99 -4.32 29.44 0.09
C GLN B 99 -3.54 29.14 -1.19
N GLN B 100 -2.75 28.07 -1.19
CA GLN B 100 -1.91 27.78 -2.35
C GLN B 100 -2.69 27.40 -3.62
N ARG B 101 -3.75 26.60 -3.47
CA ARG B 101 -4.53 26.09 -4.60
C ARG B 101 -5.81 26.92 -4.85
N GLN B 102 -5.96 28.04 -4.13
CA GLN B 102 -7.14 28.91 -4.24
C GLN B 102 -8.47 28.11 -4.29
N LEU B 103 -8.65 27.23 -3.30
CA LEU B 103 -9.85 26.39 -3.17
C LEU B 103 -11.04 27.21 -2.70
N THR B 104 -12.25 26.76 -3.03
CA THR B 104 -13.47 27.36 -2.48
C THR B 104 -13.66 26.87 -1.04
N ASN B 105 -14.54 27.53 -0.29
CA ASN B 105 -14.83 27.13 1.09
C ASN B 105 -15.32 25.69 1.20
N GLU B 106 -16.23 25.31 0.29
CA GLU B 106 -16.78 23.96 0.25
C GLU B 106 -15.72 22.91 -0.07
N GLU B 107 -14.94 23.15 -1.12
CA GLU B 107 -13.82 22.26 -1.49
C GLU B 107 -12.85 22.03 -0.33
N ALA B 108 -12.49 23.12 0.37
CA ALA B 108 -11.63 23.06 1.55
C ALA B 108 -12.25 22.18 2.64
N GLU B 109 -13.54 22.39 2.92
CA GLU B 109 -14.28 21.59 3.92
C GLU B 109 -14.36 20.12 3.55
N ASN B 110 -14.54 19.82 2.27
CA ASN B 110 -14.58 18.43 1.82
C ASN B 110 -13.22 17.74 2.01
N THR B 111 -12.14 18.48 1.74
CA THR B 111 -10.80 17.92 1.93
C THR B 111 -10.51 17.76 3.41
N ARG B 112 -10.90 18.74 4.21
CA ARG B 112 -10.75 18.66 5.66
C ARG B 112 -11.44 17.38 6.19
N ASN B 113 -12.69 17.16 5.78
CA ASN B 113 -13.45 15.94 6.11
C ASN B 113 -12.77 14.68 5.71
N TYR B 114 -12.31 14.63 4.46
CA TYR B 114 -11.66 13.44 3.92
C TYR B 114 -10.45 13.03 4.79
N PHE B 115 -9.53 13.96 5.02
CA PHE B 115 -8.36 13.66 5.88
C PHE B 115 -8.69 13.43 7.36
N THR B 116 -9.62 14.21 7.90
CA THR B 116 -10.06 13.98 9.28
C THR B 116 -10.60 12.57 9.46
N GLN B 117 -11.42 12.10 8.53
CA GLN B 117 -12.01 10.75 8.63
C GLN B 117 -10.95 9.65 8.48
N LYS B 118 -10.03 9.87 7.56
CA LYS B 118 -8.98 8.91 7.27
C LYS B 118 -8.02 8.73 8.45
N LEU B 119 -7.69 9.83 9.13
CA LEU B 119 -6.80 9.78 10.30
C LEU B 119 -7.51 9.23 11.54
N GLN B 120 -8.75 9.66 11.76
CA GLN B 120 -9.60 9.06 12.81
C GLN B 120 -9.79 7.55 12.61
N ALA B 121 -9.71 7.05 11.38
CA ALA B 121 -9.84 5.59 11.11
C ALA B 121 -8.67 4.77 11.69
N SER B 123 -6.01 3.82 14.66
CA SER B 123 -5.92 3.96 16.12
C SER B 123 -4.89 5.04 16.51
N ALA B 124 -4.92 5.51 17.76
CA ALA B 124 -3.93 6.49 18.22
C ALA B 124 -2.52 5.96 18.01
N ALA B 125 -2.32 4.67 18.32
CA ALA B 125 -0.98 4.04 18.16
C ALA B 125 -0.49 3.99 16.71
N THR B 126 -1.39 3.60 15.79
CA THR B 126 -1.05 3.54 14.37
C THR B 126 -0.78 4.93 13.82
N ARG B 127 -1.65 5.88 14.15
CA ARG B 127 -1.45 7.31 13.73
C ARG B 127 -0.11 7.88 14.20
N LYS B 128 0.23 7.61 15.45
CA LYS B 128 1.52 8.03 15.97
C LYS B 128 2.68 7.43 15.18
N GLU B 129 2.66 6.13 14.92
CA GLU B 129 3.81 5.52 14.16
C GLU B 129 3.84 5.99 12.70
N TRP B 130 2.66 6.25 12.15
CA TRP B 130 2.55 6.86 10.84
C TRP B 130 3.26 8.20 10.83
N ALA B 131 3.01 9.00 11.83
CA ALA B 131 3.63 10.33 11.93
C ALA B 131 5.16 10.25 12.13
N VAL B 132 5.55 9.34 13.00
CA VAL B 132 6.97 9.04 13.30
C VAL B 132 7.70 8.70 12.01
N ARG B 133 7.09 7.83 11.19
CA ARG B 133 7.74 7.43 9.93
C ARG B 133 8.01 8.67 9.04
N GLN B 134 7.02 9.58 8.96
CA GLN B 134 7.17 10.79 8.14
C GLN B 134 8.36 11.63 8.62
N ALA B 135 8.51 11.73 9.93
CA ALA B 135 9.63 12.45 10.53
C ALA B 135 10.98 11.84 10.14
N TYR B 136 11.06 10.52 9.97
CA TYR B 136 12.32 9.85 9.56
C TYR B 136 12.72 10.24 8.13
N ILE B 137 11.73 10.49 7.25
CA ILE B 137 12.01 11.00 5.92
C ILE B 137 12.65 12.35 6.01
N GLY B 138 12.07 13.18 6.87
CA GLY B 138 12.63 14.46 7.20
C GLY B 138 14.08 14.43 7.67
N LEU B 139 14.44 13.46 8.50
CA LEU B 139 15.80 13.29 8.96
C LEU B 139 16.75 13.08 7.78
N GLY B 140 16.31 12.28 6.82
CA GLY B 140 17.11 12.06 5.61
C GLY B 140 17.45 13.35 4.90
N THR B 141 16.44 14.19 4.68
CA THR B 141 16.68 15.53 4.13
C THR B 141 17.66 16.34 5.00
N PHE B 142 17.37 16.37 6.29
CA PHE B 142 18.11 17.18 7.25
C PHE B 142 19.58 16.84 7.23
N LEU B 143 19.91 15.56 7.23
CA LEU B 143 21.33 15.14 7.23
C LEU B 143 22.10 15.65 6.00
N LEU B 144 21.44 15.64 4.84
CA LEU B 144 22.05 16.19 3.61
C LEU B 144 22.06 17.70 3.62
N ALA B 145 21.03 18.32 4.13
CA ALA B 145 20.97 19.80 4.18
C ALA B 145 22.08 20.34 5.09
N ALA B 146 22.31 19.63 6.19
CA ALA B 146 23.38 19.99 7.11
C ALA B 146 24.74 19.85 6.39
N ALA B 147 24.92 18.75 5.63
CA ALA B 147 26.15 18.59 4.88
C ALA B 147 26.33 19.73 3.86
N GLU B 148 25.29 20.13 3.15
CA GLU B 148 25.45 21.23 2.18
C GLU B 148 25.93 22.54 2.84
N LEU B 149 25.43 22.80 4.06
CA LEU B 149 25.81 23.97 4.81
C LEU B 149 27.14 23.80 5.57
N GLU B 150 27.77 22.63 5.44
CA GLU B 150 28.95 22.26 6.25
C GLU B 150 28.71 22.41 7.75
N VAL B 151 27.51 22.07 8.13
CA VAL B 151 27.07 21.98 9.52
C VAL B 151 27.16 20.52 9.96
N ASP B 152 27.86 20.28 11.05
CA ASP B 152 27.92 18.95 11.60
C ASP B 152 26.72 18.68 12.49
N SER B 153 26.41 17.42 12.65
CA SER B 153 25.31 17.00 13.48
C SER B 153 25.48 15.55 13.89
N CYS B 154 24.58 15.07 14.71
CA CYS B 154 24.54 13.63 15.00
C CYS B 154 23.09 13.25 15.29
N PRO B 155 22.49 12.34 14.51
CA PRO B 155 21.15 11.88 14.88
C PRO B 155 21.23 11.05 16.16
N GLU B 157 18.78 8.50 18.58
CA GLU B 157 17.64 7.71 19.04
CA GLU B 157 17.64 7.77 19.08
C GLU B 157 17.93 7.28 20.49
N GLY B 158 19.20 7.37 20.91
CA GLY B 158 19.63 6.93 22.26
C GLY B 158 19.26 7.92 23.33
N ILE B 159 17.97 8.19 23.45
CA ILE B 159 17.44 9.15 24.41
C ILE B 159 16.20 8.55 25.06
N GLU B 160 15.85 9.11 26.23
CA GLU B 160 14.62 8.74 26.94
C GLU B 160 13.48 9.60 26.41
N HIS B 161 12.65 8.99 25.58
CA HIS B 161 11.68 9.72 24.79
C HIS B 161 10.61 10.35 25.66
N ASP B 162 10.03 9.55 26.58
CA ASP B 162 9.01 10.06 27.48
CA ASP B 162 9.03 10.03 27.54
C ASP B 162 9.60 11.13 28.44
N ALA B 163 10.84 10.94 28.91
CA ALA B 163 11.50 11.96 29.76
C ALA B 163 11.70 13.28 28.97
N TYR B 164 12.05 13.19 27.69
CA TYR B 164 12.20 14.40 26.89
C TYR B 164 10.85 15.11 26.84
N ASP B 165 9.81 14.33 26.56
CA ASP B 165 8.44 14.87 26.48
C ASP B 165 7.99 15.53 27.78
N ASN B 166 8.34 14.92 28.91
CA ASN B 166 7.96 15.45 30.22
CA ASN B 166 7.95 15.46 30.20
C ASN B 166 8.71 16.75 30.48
N ILE B 167 10.04 16.69 30.34
CA ILE B 167 10.91 17.85 30.59
C ILE B 167 10.50 19.03 29.73
N LEU B 168 10.22 18.80 28.44
CA LEU B 168 9.89 19.90 27.54
C LEU B 168 8.38 20.20 27.53
N SER B 169 7.60 19.58 28.41
CA SER B 169 6.12 19.69 28.41
C SER B 169 5.49 19.59 27.01
N LEU B 170 5.92 18.63 26.20
CA LEU B 170 5.38 18.50 24.83
C LEU B 170 3.94 18.02 24.78
N LYS B 171 3.48 17.42 25.87
CA LYS B 171 2.12 16.88 25.91
C LYS B 171 1.07 17.94 25.68
N ASP B 172 1.26 19.13 26.24
CA ASP B 172 0.28 20.20 26.01
C ASP B 172 0.35 20.78 24.56
N LEU B 173 1.41 20.44 23.82
CA LEU B 173 1.55 20.83 22.41
C LEU B 173 1.06 19.71 21.44
N GLY B 174 0.71 18.55 21.98
CA GLY B 174 0.33 17.43 21.14
C GLY B 174 1.52 16.89 20.35
N LEU B 175 2.70 16.97 20.94
CA LEU B 175 3.91 16.45 20.34
C LEU B 175 4.59 15.32 21.10
N SER B 176 5.30 14.47 20.34
CA SER B 176 6.09 13.40 20.94
C SER B 176 7.46 13.37 20.30
N THR B 177 8.50 13.41 21.13
CA THR B 177 9.88 13.36 20.66
C THR B 177 10.13 12.06 19.88
N VAL B 178 10.71 12.19 18.69
CA VAL B 178 11.07 11.04 17.91
C VAL B 178 12.58 10.79 17.99
N PHE B 179 13.38 11.81 17.71
CA PHE B 179 14.83 11.71 17.84
C PHE B 179 15.40 13.10 17.98
N ALA B 180 16.64 13.21 18.46
CA ALA B 180 17.26 14.51 18.68
C ALA B 180 18.49 14.59 17.77
N CYS B 181 18.88 15.81 17.40
CA CYS B 181 20.01 16.09 16.55
C CYS B 181 20.72 17.35 16.99
N PRO B 182 21.75 17.22 17.81
CA PRO B 182 22.62 18.38 18.06
C PRO B 182 23.29 18.79 16.76
N VAL B 183 23.42 20.10 16.61
CA VAL B 183 24.00 20.70 15.42
C VAL B 183 25.11 21.67 15.83
N GLY B 184 26.08 21.85 14.95
CA GLY B 184 27.18 22.77 15.22
C GLY B 184 28.34 22.45 14.31
N TYR B 185 29.56 22.55 14.83
CA TYR B 185 30.77 22.34 14.01
C TYR B 185 31.67 21.39 14.76
N ARG B 186 32.20 20.40 14.06
CA ARG B 186 32.98 19.35 14.72
C ARG B 186 34.15 19.98 15.47
N SER B 187 34.53 19.36 16.58
CA SER B 187 35.81 19.70 17.23
C SER B 187 36.99 19.26 16.35
N GLU B 188 38.05 20.08 16.31
CA GLU B 188 39.35 19.64 15.77
C GLU B 188 39.77 18.30 16.41
N ALA B 189 39.47 18.14 17.71
CA ALA B 189 39.87 16.94 18.46
C ALA B 189 39.01 15.68 18.23
N ASP B 190 37.94 15.78 17.44
CA ASP B 190 37.06 14.64 17.21
C ASP B 190 37.72 13.70 16.19
N THR B 191 38.42 12.71 16.71
CA THR B 191 39.22 11.81 15.86
C THR B 191 38.31 10.86 15.09
N THR B 192 37.03 10.74 15.49
CA THR B 192 36.12 9.82 14.83
C THR B 192 35.74 10.28 13.43
N GLN B 193 35.96 11.56 13.14
CA GLN B 193 35.77 12.06 11.78
C GLN B 193 36.74 11.41 10.79
N PHE B 194 37.85 10.82 11.28
CA PHE B 194 38.81 10.16 10.39
C PHE B 194 38.67 8.63 10.29
N GLN B 195 37.60 8.09 10.86
CA GLN B 195 37.23 6.69 10.64
C GLN B 195 36.65 6.48 9.24
N LYS B 196 37.04 5.41 8.56
CA LYS B 196 36.44 5.09 7.25
C LYS B 196 34.93 4.78 7.41
N LYS B 197 34.14 5.30 6.51
CA LYS B 197 32.70 5.01 6.50
C LYS B 197 32.40 3.58 6.17
N VAL B 198 31.41 3.03 6.87
CA VAL B 198 30.98 1.66 6.63
C VAL B 198 29.54 1.71 6.10
N ARG B 199 29.34 1.20 4.89
CA ARG B 199 28.03 1.09 4.25
C ARG B 199 27.96 -0.18 3.45
N GLN B 200 26.76 -0.77 3.36
CA GLN B 200 26.44 -1.94 2.51
CA GLN B 200 26.65 -2.00 2.58
C GLN B 200 26.98 -1.66 1.11
N PRO B 201 27.69 -2.57 0.48
CA PRO B 201 28.00 -2.27 -0.93
C PRO B 201 26.75 -2.35 -1.79
N LEU B 202 26.81 -1.75 -2.98
CA LEU B 202 25.66 -1.77 -3.86
C LEU B 202 25.25 -3.20 -4.24
N SER B 203 26.20 -4.14 -4.35
CA SER B 203 25.87 -5.51 -4.74
C SER B 203 24.97 -6.20 -3.70
N ARG B 204 24.98 -5.69 -2.46
CA ARG B 204 24.12 -6.26 -1.42
C ARG B 204 22.87 -5.39 -1.25
N PHE B 205 23.03 -4.07 -1.38
CA PHE B 205 21.95 -3.12 -1.12
C PHE B 205 20.89 -3.13 -2.21
N LYS B 206 21.32 -3.33 -3.47
CA LYS B 206 20.40 -3.42 -4.60
C LYS B 206 20.15 -4.88 -4.85
N VAL B 207 18.88 -5.27 -4.89
CA VAL B 207 18.48 -6.66 -5.17
C VAL B 207 17.59 -6.60 -6.38
N VAL B 208 18.07 -7.15 -7.47
CA VAL B 208 17.29 -7.20 -8.69
C VAL B 208 16.35 -8.40 -8.65
N LEU B 209 15.05 -8.15 -8.79
CA LEU B 209 14.11 -9.24 -8.87
C LEU B 209 13.70 -9.30 -10.32
N TYR C 3 -9.78 -32.01 -6.85
CA TYR C 3 -10.82 -31.51 -5.97
C TYR C 3 -12.19 -31.35 -6.62
N LEU C 4 -12.21 -30.82 -7.83
CA LEU C 4 -13.47 -30.66 -8.54
C LEU C 4 -14.20 -32.02 -8.73
N GLU C 5 -13.45 -33.11 -8.92
CA GLU C 5 -14.07 -34.43 -9.06
CA GLU C 5 -14.02 -34.46 -9.04
C GLU C 5 -14.74 -34.87 -7.76
N LYS C 6 -14.14 -34.52 -6.62
CA LYS C 6 -14.78 -34.79 -5.35
C LYS C 6 -16.04 -33.98 -5.19
N LEU C 7 -16.05 -32.74 -5.66
CA LEU C 7 -17.28 -31.94 -5.60
C LEU C 7 -18.38 -32.53 -6.47
N GLN C 8 -18.00 -33.00 -7.66
CA GLN C 8 -18.91 -33.67 -8.57
C GLN C 8 -19.55 -34.91 -7.95
N GLN C 9 -18.80 -35.65 -7.14
CA GLN C 9 -19.31 -36.85 -6.50
C GLN C 9 -20.23 -36.56 -5.31
N TRP C 10 -19.98 -35.45 -4.60
CA TRP C 10 -20.74 -35.09 -3.42
C TRP C 10 -22.18 -34.65 -3.79
N ARG C 11 -22.26 -33.79 -4.79
CA ARG C 11 -23.54 -33.25 -5.24
C ARG C 11 -24.44 -34.27 -5.96
N TYR C 12 -25.73 -33.98 -5.96
CA TYR C 12 -26.73 -34.75 -6.70
C TYR C 12 -27.99 -33.93 -6.88
N ALA C 13 -28.88 -34.40 -7.76
CA ALA C 13 -30.13 -33.71 -8.05
C ALA C 13 -31.12 -34.02 -6.93
N THR C 14 -31.10 -33.23 -5.87
CA THR C 14 -31.90 -33.54 -4.67
C THR C 14 -33.39 -33.71 -5.02
N ALA C 15 -33.97 -34.79 -4.52
CA ALA C 15 -35.37 -35.11 -4.78
C ALA C 15 -36.25 -34.67 -3.62
N ASP C 16 -35.72 -34.70 -2.39
CA ASP C 16 -36.51 -34.42 -1.19
C ASP C 16 -35.67 -33.49 -0.31
N PHE C 17 -36.09 -32.24 -0.19
CA PHE C 17 -35.43 -31.26 0.69
C PHE C 17 -36.03 -31.31 2.07
N SER C 18 -35.17 -31.15 3.08
CA SER C 18 -35.63 -30.93 4.43
C SER C 18 -36.11 -29.47 4.50
N GLY C 19 -36.84 -29.16 5.53
CA GLY C 19 -37.16 -27.79 5.83
C GLY C 19 -36.09 -27.08 6.67
N ALA C 20 -34.83 -27.58 6.69
CA ALA C 20 -33.72 -26.86 7.34
C ALA C 20 -33.32 -25.56 6.62
N HIS C 21 -33.01 -24.54 7.41
CA HIS C 21 -32.69 -23.18 6.87
C HIS C 21 -31.31 -23.09 6.21
N ILE C 22 -31.26 -22.49 5.01
CA ILE C 22 -30.01 -21.99 4.43
C ILE C 22 -29.88 -20.51 4.75
N THR C 23 -28.75 -20.15 5.33
CA THR C 23 -28.53 -18.78 5.75
C THR C 23 -28.27 -17.89 4.55
N ASP C 24 -28.59 -16.60 4.72
CA ASP C 24 -28.29 -15.57 3.76
C ASP C 24 -26.80 -15.57 3.46
N ASP C 25 -25.94 -15.72 4.49
CA ASP C 25 -24.51 -15.67 4.23
CA ASP C 25 -24.48 -15.74 4.31
C ASP C 25 -24.03 -16.83 3.36
N VAL C 26 -24.55 -18.04 3.59
CA VAL C 26 -24.13 -19.19 2.76
C VAL C 26 -24.61 -19.01 1.32
N LEU C 27 -25.86 -18.58 1.17
CA LEU C 27 -26.45 -18.32 -0.14
C LEU C 27 -25.72 -17.19 -0.91
N ASP C 28 -25.27 -16.13 -0.22
CA ASP C 28 -24.40 -15.11 -0.84
C ASP C 28 -23.04 -15.66 -1.29
N LYS C 29 -22.45 -16.55 -0.52
CA LYS C 29 -21.19 -17.20 -0.98
C LYS C 29 -21.40 -17.97 -2.28
N LEU C 30 -22.52 -18.69 -2.32
CA LEU C 30 -22.91 -19.48 -3.45
C LEU C 30 -23.10 -18.61 -4.68
N LEU C 31 -23.87 -17.54 -4.52
CA LEU C 31 -24.17 -16.64 -5.64
C LEU C 31 -22.96 -15.81 -6.06
N ASN C 32 -22.13 -15.47 -5.09
CA ASN C 32 -20.92 -14.73 -5.37
C ASN C 32 -19.95 -15.52 -6.24
N THR C 33 -19.77 -16.79 -5.92
CA THR C 33 -18.93 -17.65 -6.76
C THR C 33 -19.57 -17.77 -8.16
N THR C 34 -20.89 -17.89 -8.23
CA THR C 34 -21.58 -18.03 -9.52
C THR C 34 -21.38 -16.80 -10.38
N ARG C 35 -21.46 -15.64 -9.75
CA ARG C 35 -21.33 -14.35 -10.47
C ARG C 35 -19.97 -14.12 -11.13
N LEU C 36 -18.95 -14.81 -10.63
CA LEU C 36 -17.61 -14.79 -11.26
C LEU C 36 -17.48 -15.62 -12.54
N THR C 37 -18.56 -16.24 -12.97
CA THR C 37 -18.50 -17.14 -14.13
C THR C 37 -18.28 -16.34 -15.42
N ALA C 38 -17.46 -16.88 -16.30
CA ALA C 38 -17.24 -16.32 -17.64
C ALA C 38 -18.51 -16.26 -18.43
N SER C 39 -18.59 -15.25 -19.30
CA SER C 39 -19.70 -15.12 -20.18
C SER C 39 -19.23 -14.48 -21.51
N SER C 40 -20.03 -14.73 -22.54
CA SER C 40 -19.75 -14.29 -23.91
C SER C 40 -19.63 -12.76 -23.91
N TYR C 41 -18.51 -12.26 -24.42
CA TYR C 41 -18.11 -10.85 -24.42
C TYR C 41 -17.90 -10.25 -23.02
N GLY C 42 -18.05 -11.07 -21.99
CA GLY C 42 -18.00 -10.57 -20.62
C GLY C 42 -19.32 -9.91 -20.19
N LEU C 43 -20.34 -9.99 -21.04
CA LEU C 43 -21.60 -9.23 -20.82
C LEU C 43 -22.60 -9.80 -19.80
N GLN C 44 -22.38 -11.05 -19.38
CA GLN C 44 -23.18 -11.63 -18.27
CA GLN C 44 -23.19 -11.69 -18.33
C GLN C 44 -24.66 -11.26 -18.37
N PRO C 45 -25.35 -11.63 -19.44
CA PRO C 45 -26.72 -11.18 -19.65
C PRO C 45 -27.77 -11.99 -18.85
N TYR C 46 -27.52 -12.21 -17.56
CA TYR C 46 -28.53 -12.87 -16.74
C TYR C 46 -28.28 -12.51 -15.29
N CYS C 47 -29.22 -12.89 -14.43
CA CYS C 47 -29.04 -12.67 -13.03
C CYS C 47 -29.76 -13.79 -12.27
N THR C 48 -29.58 -13.83 -10.96
CA THR C 48 -30.23 -14.85 -10.14
C THR C 48 -31.27 -14.16 -9.26
N LEU C 49 -32.49 -14.66 -9.26
CA LEU C 49 -33.54 -14.22 -8.39
C LEU C 49 -33.57 -15.16 -7.17
N VAL C 50 -33.73 -14.60 -5.99
CA VAL C 50 -33.79 -15.41 -4.76
C VAL C 50 -35.18 -15.20 -4.13
N ILE C 51 -35.96 -16.28 -4.01
CA ILE C 51 -37.28 -16.25 -3.38
C ILE C 51 -37.30 -17.23 -2.19
N ARG C 52 -37.78 -16.73 -1.05
CA ARG C 52 -38.03 -17.59 0.10
C ARG C 52 -39.53 -17.72 0.42
N ASN C 53 -40.29 -16.67 0.17
CA ASN C 53 -41.72 -16.70 0.54
C ASN C 53 -42.42 -18.03 0.14
N LYS C 54 -43.01 -18.67 1.14
CA LYS C 54 -43.66 -19.97 0.95
C LYS C 54 -44.90 -19.92 0.09
N GLY C 55 -45.78 -18.97 0.36
CA GLY C 55 -47.01 -18.81 -0.39
C GLY C 55 -46.81 -18.57 -1.87
N LEU C 56 -45.81 -17.76 -2.22
CA LEU C 56 -45.51 -17.43 -3.61
C LEU C 56 -44.99 -18.68 -4.29
N ARG C 57 -44.10 -19.39 -3.61
CA ARG C 57 -43.55 -20.59 -4.15
C ARG C 57 -44.56 -21.72 -4.29
N GLU C 58 -45.52 -21.82 -3.38
CA GLU C 58 -46.62 -22.76 -3.56
C GLU C 58 -47.40 -22.46 -4.84
N GLN C 59 -47.57 -21.18 -5.19
CA GLN C 59 -48.20 -20.84 -6.48
C GLN C 59 -47.34 -21.31 -7.69
N LEU C 60 -46.03 -21.20 -7.57
CA LEU C 60 -45.11 -21.69 -8.59
C LEU C 60 -45.09 -23.25 -8.75
N VAL C 61 -45.29 -23.99 -7.66
CA VAL C 61 -45.44 -25.46 -7.71
C VAL C 61 -46.47 -25.88 -8.77
N ASN C 62 -47.61 -25.19 -8.75
CA ASN C 62 -48.71 -25.40 -9.69
C ASN C 62 -48.33 -25.14 -11.15
N HIS C 63 -47.21 -24.45 -11.37
CA HIS C 63 -46.71 -24.18 -12.71
C HIS C 63 -45.36 -24.86 -12.90
N SER C 64 -45.11 -25.87 -12.06
CA SER C 64 -43.86 -26.61 -12.11
C SER C 64 -44.15 -28.09 -12.21
N PHE C 65 -45.21 -28.44 -12.95
CA PHE C 65 -45.61 -29.83 -13.14
C PHE C 65 -45.77 -30.56 -11.81
N GLY C 66 -46.31 -29.88 -10.81
CA GLY C 66 -46.59 -30.46 -9.50
C GLY C 66 -45.39 -30.80 -8.63
N GLN C 67 -44.23 -30.28 -8.97
CA GLN C 67 -42.99 -30.58 -8.23
C GLN C 67 -42.91 -29.70 -7.00
N GLN C 68 -43.20 -30.31 -5.86
CA GLN C 68 -43.26 -29.63 -4.56
C GLN C 68 -41.95 -29.04 -4.09
N LYS C 69 -40.84 -29.61 -4.54
CA LYS C 69 -39.49 -29.17 -4.13
C LYS C 69 -39.25 -27.64 -4.37
N VAL C 70 -39.99 -27.05 -5.32
CA VAL C 70 -39.95 -25.61 -5.59
C VAL C 70 -40.26 -24.80 -4.32
N ALA C 71 -41.23 -25.27 -3.53
CA ALA C 71 -41.64 -24.63 -2.31
C ALA C 71 -41.01 -25.26 -1.06
N ASP C 72 -40.71 -26.56 -1.11
CA ASP C 72 -40.20 -27.27 0.10
C ASP C 72 -38.85 -26.84 0.70
N SER C 73 -38.03 -26.38 -0.20
CA SER C 73 -36.65 -26.02 0.01
C SER C 73 -36.60 -24.72 0.79
N SER C 74 -35.41 -24.43 1.37
CA SER C 74 -35.24 -23.22 2.17
C SER C 74 -35.28 -21.95 1.30
N ALA C 75 -34.81 -22.03 0.08
CA ALA C 75 -34.84 -20.91 -0.86
C ALA C 75 -34.88 -21.46 -2.29
N LEU C 76 -35.38 -20.62 -3.19
CA LEU C 76 -35.48 -20.90 -4.60
C LEU C 76 -34.68 -19.83 -5.36
N VAL C 77 -33.69 -20.31 -6.11
CA VAL C 77 -32.86 -19.48 -6.94
C VAL C 77 -33.33 -19.66 -8.40
N ILE C 78 -33.74 -18.57 -9.03
CA ILE C 78 -34.22 -18.58 -10.43
C ILE C 78 -33.18 -17.87 -11.26
N PHE C 79 -32.64 -18.54 -12.25
CA PHE C 79 -31.77 -17.92 -13.21
C PHE C 79 -32.65 -17.27 -14.29
N ALA C 80 -32.47 -15.98 -14.51
CA ALA C 80 -33.31 -15.24 -15.44
C ALA C 80 -32.42 -14.49 -16.42
N ALA C 81 -32.71 -14.64 -17.70
CA ALA C 81 -31.96 -13.97 -18.76
C ALA C 81 -32.46 -12.55 -18.95
N LYS C 82 -31.57 -11.64 -19.31
CA LYS C 82 -31.93 -10.31 -19.67
C LYS C 82 -32.42 -10.29 -21.12
N THR C 83 -33.69 -9.96 -21.29
CA THR C 83 -34.39 -10.09 -22.57
C THR C 83 -35.13 -8.81 -22.90
N GLY C 84 -34.71 -7.71 -22.29
CA GLY C 84 -35.27 -6.40 -22.57
C GLY C 84 -34.37 -5.56 -23.48
N ALA C 85 -34.18 -4.30 -23.09
CA ALA C 85 -33.38 -3.38 -23.85
C ALA C 85 -31.92 -3.85 -23.90
N VAL C 86 -31.28 -3.71 -25.05
CA VAL C 86 -29.85 -3.98 -25.19
C VAL C 86 -29.03 -3.18 -24.19
N ALA C 87 -29.46 -1.95 -23.92
CA ALA C 87 -28.73 -1.07 -23.03
C ALA C 87 -28.68 -1.64 -21.61
N ASP C 88 -29.69 -2.40 -21.21
CA ASP C 88 -29.68 -2.97 -19.86
C ASP C 88 -28.71 -4.13 -19.71
N ILE C 89 -28.22 -4.65 -20.83
CA ILE C 89 -27.10 -5.58 -20.85
C ILE C 89 -25.79 -4.80 -20.95
N VAL C 90 -25.69 -3.90 -21.92
CA VAL C 90 -24.42 -3.24 -22.21
C VAL C 90 -24.01 -2.21 -21.16
N ASP C 91 -24.96 -1.39 -20.70
CA ASP C 91 -24.59 -0.25 -19.87
C ASP C 91 -24.02 -0.67 -18.52
N PRO C 92 -24.59 -1.68 -17.85
CA PRO C 92 -23.93 -2.06 -16.59
C PRO C 92 -22.53 -2.62 -16.80
N TYR C 93 -22.33 -3.34 -17.90
CA TYR C 93 -20.98 -3.82 -18.17
C TYR C 93 -20.03 -2.66 -18.39
N ILE C 94 -20.41 -1.67 -19.20
CA ILE C 94 -19.54 -0.51 -19.43
C ILE C 94 -19.21 0.26 -18.16
N SER C 95 -20.18 0.44 -17.27
CA SER C 95 -19.89 1.12 -15.99
CA SER C 95 -19.93 1.09 -15.97
C SER C 95 -18.87 0.33 -15.15
N GLU C 96 -19.02 -0.97 -15.07
CA GLU C 96 -18.04 -1.81 -14.31
C GLU C 96 -16.67 -1.79 -15.00
N LEU C 97 -16.68 -1.98 -16.30
CA LEU C 97 -15.44 -1.92 -17.07
C LEU C 97 -14.69 -0.57 -16.93
N SER C 98 -15.39 0.55 -17.16
CA SER C 98 -14.76 1.86 -17.03
C SER C 98 -14.14 2.03 -15.67
N GLN C 99 -14.85 1.60 -14.63
CA GLN C 99 -14.39 1.77 -13.26
C GLN C 99 -13.15 0.89 -13.01
N GLN C 100 -13.28 -0.41 -13.30
CA GLN C 100 -12.20 -1.35 -13.04
C GLN C 100 -10.96 -1.10 -13.88
N ARG C 101 -11.13 -0.80 -15.17
CA ARG C 101 -9.97 -0.61 -16.05
C ARG C 101 -9.60 0.85 -16.27
N GLN C 102 -10.30 1.77 -15.62
CA GLN C 102 -9.97 3.21 -15.71
C GLN C 102 -9.93 3.71 -17.19
N LEU C 103 -11.00 3.40 -17.92
CA LEU C 103 -11.09 3.81 -19.31
C LEU C 103 -11.31 5.32 -19.43
N THR C 104 -10.89 5.90 -20.54
CA THR C 104 -11.24 7.29 -20.85
C THR C 104 -12.70 7.31 -21.35
N ASN C 105 -13.29 8.50 -21.40
CA ASN C 105 -14.65 8.60 -21.94
C ASN C 105 -14.71 8.09 -23.38
N GLU C 106 -13.70 8.41 -24.18
CA GLU C 106 -13.62 7.93 -25.57
C GLU C 106 -13.61 6.41 -25.63
N GLU C 107 -12.72 5.78 -24.85
CA GLU C 107 -12.69 4.34 -24.75
C GLU C 107 -14.04 3.77 -24.30
N ALA C 108 -14.66 4.35 -23.27
CA ALA C 108 -15.91 3.80 -22.76
C ALA C 108 -17.00 3.84 -23.85
N GLU C 109 -17.14 4.97 -24.51
CA GLU C 109 -18.14 5.12 -25.58
C GLU C 109 -17.87 4.24 -26.78
N ASN C 110 -16.63 4.15 -27.24
CA ASN C 110 -16.34 3.21 -28.34
C ASN C 110 -16.63 1.75 -27.96
N THR C 111 -16.28 1.36 -26.74
CA THR C 111 -16.56 0.03 -26.27
C THR C 111 -18.07 -0.18 -26.09
N ARG C 112 -18.79 0.83 -25.62
CA ARG C 112 -20.25 0.70 -25.52
C ARG C 112 -20.85 0.48 -26.92
N ASN C 113 -20.41 1.27 -27.89
CA ASN C 113 -20.95 1.18 -29.25
C ASN C 113 -20.57 -0.15 -29.92
N TYR C 114 -19.39 -0.66 -29.61
CA TYR C 114 -18.95 -1.98 -30.10
C TYR C 114 -19.87 -3.11 -29.62
N PHE C 115 -20.16 -3.13 -28.32
CA PHE C 115 -21.01 -4.19 -27.80
C PHE C 115 -22.45 -4.01 -28.24
N THR C 116 -22.91 -2.77 -28.31
CA THR C 116 -24.24 -2.53 -28.76
C THR C 116 -24.43 -3.05 -30.21
N GLN C 117 -23.42 -2.88 -31.04
CA GLN C 117 -23.46 -3.40 -32.42
C GLN C 117 -23.55 -4.92 -32.42
N LYS C 118 -22.71 -5.62 -31.64
CA LYS C 118 -22.76 -7.08 -31.60
C LYS C 118 -24.17 -7.56 -31.24
N LEU C 119 -24.76 -6.95 -30.21
CA LEU C 119 -26.06 -7.38 -29.72
C LEU C 119 -27.20 -6.97 -30.65
N GLN C 120 -27.14 -5.79 -31.26
CA GLN C 120 -28.19 -5.32 -32.20
CA GLN C 120 -28.23 -5.36 -32.16
C GLN C 120 -28.17 -6.08 -33.52
N ALA C 121 -27.00 -6.66 -33.87
CA ALA C 121 -26.88 -7.45 -35.11
C ALA C 121 -27.66 -8.76 -34.97
N SER C 123 -31.05 -10.97 -33.99
CA SER C 123 -32.51 -10.86 -33.81
C SER C 123 -32.82 -10.93 -32.34
N ALA C 124 -34.03 -10.49 -31.97
CA ALA C 124 -34.46 -10.57 -30.60
C ALA C 124 -34.44 -12.01 -30.09
N ALA C 125 -34.91 -12.95 -30.90
CA ALA C 125 -34.97 -14.36 -30.48
C ALA C 125 -33.54 -14.95 -30.31
N THR C 126 -32.64 -14.62 -31.24
CA THR C 126 -31.24 -15.07 -31.14
C THR C 126 -30.57 -14.46 -29.91
N ARG C 127 -30.78 -13.16 -29.68
CA ARG C 127 -30.21 -12.50 -28.51
C ARG C 127 -30.73 -13.12 -27.19
N LYS C 128 -32.03 -13.43 -27.13
CA LYS C 128 -32.62 -14.09 -25.96
C LYS C 128 -31.97 -15.47 -25.70
N GLU C 129 -31.80 -16.26 -26.76
CA GLU C 129 -31.23 -17.59 -26.54
C GLU C 129 -29.76 -17.49 -26.25
N TRP C 130 -29.06 -16.53 -26.86
CA TRP C 130 -27.67 -16.25 -26.51
C TRP C 130 -27.57 -15.99 -24.99
N ALA C 131 -28.45 -15.16 -24.46
CA ALA C 131 -28.45 -14.87 -23.02
C ALA C 131 -28.80 -16.11 -22.17
N VAL C 132 -29.77 -16.89 -22.62
CA VAL C 132 -30.11 -18.14 -21.97
C VAL C 132 -28.88 -19.07 -21.87
N ARG C 133 -28.16 -19.21 -22.99
CA ARG C 133 -26.97 -20.07 -22.99
C ARG C 133 -25.95 -19.65 -21.94
N GLN C 134 -25.73 -18.35 -21.78
CA GLN C 134 -24.76 -17.89 -20.77
C GLN C 134 -25.19 -18.27 -19.36
N ALA C 135 -26.49 -18.25 -19.11
CA ALA C 135 -26.98 -18.60 -17.80
C ALA C 135 -26.68 -20.09 -17.48
N TYR C 136 -26.76 -20.94 -18.50
CA TYR C 136 -26.41 -22.36 -18.33
C TYR C 136 -24.91 -22.55 -17.95
N ILE C 137 -24.01 -21.69 -18.44
CA ILE C 137 -22.64 -21.74 -17.96
C ILE C 137 -22.63 -21.43 -16.43
N GLY C 138 -23.28 -20.36 -16.03
CA GLY C 138 -23.44 -20.04 -14.60
C GLY C 138 -24.01 -21.22 -13.79
N LEU C 139 -24.94 -21.99 -14.37
CA LEU C 139 -25.45 -23.18 -13.67
C LEU C 139 -24.31 -24.17 -13.40
N GLY C 140 -23.44 -24.39 -14.38
CA GLY C 140 -22.28 -25.27 -14.12
C GLY C 140 -21.47 -24.82 -12.89
N THR C 141 -21.16 -23.54 -12.82
CA THR C 141 -20.43 -23.00 -11.69
C THR C 141 -21.25 -23.26 -10.39
N PHE C 142 -22.53 -22.92 -10.42
CA PHE C 142 -23.43 -22.94 -9.25
C PHE C 142 -23.51 -24.32 -8.64
N LEU C 143 -23.64 -25.34 -9.50
CA LEU C 143 -23.70 -26.70 -8.96
C LEU C 143 -22.44 -27.10 -8.21
N LEU C 144 -21.30 -26.74 -8.76
CA LEU C 144 -20.01 -27.01 -8.08
C LEU C 144 -19.81 -26.17 -6.81
N ALA C 145 -20.15 -24.88 -6.89
CA ALA C 145 -20.14 -24.02 -5.70
C ALA C 145 -21.04 -24.52 -4.58
N ALA C 146 -22.25 -24.96 -4.92
CA ALA C 146 -23.12 -25.62 -3.94
C ALA C 146 -22.42 -26.82 -3.30
N ALA C 147 -21.71 -27.63 -4.09
CA ALA C 147 -21.06 -28.78 -3.56
C ALA C 147 -19.97 -28.34 -2.56
N GLU C 148 -19.23 -27.30 -2.91
CA GLU C 148 -18.12 -26.86 -2.07
C GLU C 148 -18.66 -26.41 -0.70
N LEU C 149 -19.83 -25.78 -0.71
CA LEU C 149 -20.44 -25.25 0.53
C LEU C 149 -21.28 -26.32 1.21
N GLU C 150 -21.35 -27.49 0.60
CA GLU C 150 -22.16 -28.61 1.09
C GLU C 150 -23.64 -28.21 1.23
N VAL C 151 -24.10 -27.51 0.20
CA VAL C 151 -25.47 -27.09 0.05
C VAL C 151 -26.13 -27.97 -1.00
N ASP C 152 -27.34 -28.44 -0.70
CA ASP C 152 -28.04 -29.29 -1.63
C ASP C 152 -28.89 -28.42 -2.56
N SER C 153 -29.11 -28.93 -3.74
CA SER C 153 -29.81 -28.18 -4.77
C SER C 153 -30.35 -29.17 -5.78
N CYS C 154 -31.14 -28.65 -6.72
CA CYS C 154 -31.65 -29.43 -7.85
C CYS C 154 -32.00 -28.50 -9.00
N PRO C 155 -31.31 -28.60 -10.14
CA PRO C 155 -31.75 -27.71 -11.24
C PRO C 155 -33.10 -28.19 -11.76
N GLU C 157 -35.71 -27.57 -15.10
CA GLU C 157 -36.22 -27.09 -16.36
C GLU C 157 -37.70 -27.38 -16.49
N GLY C 158 -38.21 -28.27 -15.64
CA GLY C 158 -39.64 -28.61 -15.68
C GLY C 158 -40.54 -27.56 -15.06
N ILE C 159 -40.57 -26.38 -15.67
CA ILE C 159 -41.37 -25.25 -15.20
C ILE C 159 -42.02 -24.56 -16.38
N GLU C 160 -43.14 -23.88 -16.13
CA GLU C 160 -43.81 -23.14 -17.18
C GLU C 160 -43.20 -21.75 -17.15
N HIS C 161 -42.40 -21.44 -18.16
CA HIS C 161 -41.61 -20.22 -18.16
C HIS C 161 -42.44 -18.98 -18.20
N ASP C 162 -43.49 -18.98 -19.03
CA ASP C 162 -44.33 -17.81 -19.17
C ASP C 162 -45.11 -17.58 -17.87
N ALA C 163 -45.54 -18.67 -17.21
CA ALA C 163 -46.27 -18.53 -15.96
C ALA C 163 -45.36 -17.93 -14.85
N TYR C 164 -44.12 -18.37 -14.78
CA TYR C 164 -43.15 -17.86 -13.83
C TYR C 164 -42.89 -16.37 -14.10
N ASP C 165 -42.70 -16.03 -15.37
CA ASP C 165 -42.52 -14.64 -15.73
C ASP C 165 -43.69 -13.76 -15.36
N ASN C 166 -44.91 -14.26 -15.56
CA ASN C 166 -46.11 -13.52 -15.24
C ASN C 166 -46.28 -13.38 -13.71
N ILE C 167 -46.17 -14.49 -12.99
CA ILE C 167 -46.37 -14.50 -11.57
C ILE C 167 -45.38 -13.58 -10.88
N LEU C 168 -44.13 -13.62 -11.33
CA LEU C 168 -43.07 -12.80 -10.78
C LEU C 168 -42.93 -11.42 -11.42
N SER C 169 -43.83 -11.03 -12.31
CA SER C 169 -43.76 -9.76 -12.99
C SER C 169 -42.35 -9.46 -13.53
N LEU C 170 -41.73 -10.38 -14.23
CA LEU C 170 -40.37 -10.17 -14.69
C LEU C 170 -40.31 -9.28 -15.93
N LYS C 171 -41.42 -9.12 -16.64
CA LYS C 171 -41.44 -8.16 -17.76
C LYS C 171 -41.11 -6.74 -17.25
N ASP C 172 -41.59 -6.38 -16.06
CA ASP C 172 -41.19 -5.13 -15.38
C ASP C 172 -39.70 -4.89 -15.54
N LEU C 173 -38.91 -5.96 -15.34
CA LEU C 173 -37.48 -5.89 -15.09
C LEU C 173 -36.60 -6.34 -16.27
N GLY C 174 -37.23 -6.63 -17.39
CA GLY C 174 -36.51 -6.99 -18.56
C GLY C 174 -35.87 -8.38 -18.47
N LEU C 175 -36.54 -9.30 -17.76
CA LEU C 175 -35.99 -10.62 -17.46
C LEU C 175 -36.90 -11.75 -17.88
N SER C 176 -36.31 -12.90 -18.17
CA SER C 176 -37.08 -14.08 -18.58
C SER C 176 -36.55 -15.29 -17.83
N THR C 177 -37.42 -16.00 -17.13
CA THR C 177 -37.02 -17.16 -16.37
C THR C 177 -36.39 -18.22 -17.26
N VAL C 178 -35.23 -18.72 -16.87
CA VAL C 178 -34.56 -19.79 -17.65
C VAL C 178 -34.74 -21.16 -16.97
N PHE C 179 -34.29 -21.29 -15.73
CA PHE C 179 -34.49 -22.51 -14.96
C PHE C 179 -34.50 -22.13 -13.50
N ALA C 180 -34.91 -23.06 -12.65
CA ALA C 180 -35.04 -22.78 -11.24
C ALA C 180 -34.19 -23.79 -10.47
N CYS C 181 -33.68 -23.37 -9.31
CA CYS C 181 -32.84 -24.23 -8.48
C CYS C 181 -33.22 -24.07 -6.99
N PRO C 182 -34.13 -24.90 -6.48
CA PRO C 182 -34.28 -24.97 -5.03
C PRO C 182 -32.96 -25.30 -4.37
N VAL C 183 -32.75 -24.73 -3.20
CA VAL C 183 -31.55 -24.98 -2.44
C VAL C 183 -31.87 -25.13 -0.97
N GLY C 184 -30.94 -25.78 -0.25
CA GLY C 184 -31.11 -26.02 1.18
C GLY C 184 -30.38 -27.30 1.53
N TYR C 185 -30.99 -28.15 2.33
CA TYR C 185 -30.35 -29.38 2.80
C TYR C 185 -31.27 -30.57 2.56
N ARG C 186 -30.71 -31.62 1.97
CA ARG C 186 -31.48 -32.80 1.68
C ARG C 186 -32.14 -33.33 2.95
N SER C 187 -33.25 -34.04 2.75
CA SER C 187 -33.82 -34.84 3.79
C SER C 187 -33.08 -36.17 3.93
N GLU C 188 -32.97 -36.66 5.16
CA GLU C 188 -32.50 -38.05 5.38
C GLU C 188 -33.44 -39.04 4.65
N ALA C 189 -34.70 -38.67 4.48
CA ALA C 189 -35.68 -39.51 3.77
C ALA C 189 -35.44 -39.61 2.22
N ASP C 190 -34.58 -38.76 1.65
CA ASP C 190 -34.27 -38.83 0.19
C ASP C 190 -33.39 -40.04 -0.08
N THR C 191 -34.01 -41.13 -0.51
CA THR C 191 -33.25 -42.36 -0.79
C THR C 191 -32.39 -42.23 -2.06
N THR C 192 -32.64 -41.21 -2.87
CA THR C 192 -31.93 -41.09 -4.14
C THR C 192 -30.49 -40.67 -3.91
N GLN C 193 -30.20 -40.07 -2.76
CA GLN C 193 -28.82 -39.66 -2.46
C GLN C 193 -27.83 -40.85 -2.42
N PHE C 194 -28.35 -42.06 -2.21
CA PHE C 194 -27.56 -43.26 -2.04
C PHE C 194 -27.41 -44.05 -3.33
N GLN C 195 -28.06 -43.59 -4.40
CA GLN C 195 -27.97 -44.25 -5.70
C GLN C 195 -26.61 -43.97 -6.36
N LYS C 196 -26.03 -44.99 -7.00
CA LYS C 196 -24.78 -44.80 -7.70
C LYS C 196 -24.94 -43.76 -8.83
N LYS C 197 -23.99 -42.84 -8.89
CA LYS C 197 -23.98 -41.81 -9.91
C LYS C 197 -23.70 -42.41 -11.30
N VAL C 198 -24.46 -41.98 -12.29
CA VAL C 198 -24.37 -42.49 -13.66
C VAL C 198 -23.95 -41.38 -14.65
N ARG C 199 -22.88 -41.64 -15.41
CA ARG C 199 -22.38 -40.71 -16.42
C ARG C 199 -21.79 -41.50 -17.61
N GLN C 200 -21.78 -40.87 -18.78
CA GLN C 200 -21.15 -41.43 -19.95
C GLN C 200 -19.71 -41.75 -19.56
N PRO C 201 -19.19 -42.89 -19.98
CA PRO C 201 -17.76 -43.09 -19.80
C PRO C 201 -16.92 -42.19 -20.72
N LEU C 202 -15.66 -41.95 -20.33
CA LEU C 202 -14.80 -41.03 -21.06
C LEU C 202 -14.59 -41.47 -22.54
N SER C 203 -14.61 -42.77 -22.78
CA SER C 203 -14.48 -43.34 -24.13
C SER C 203 -15.59 -42.92 -25.08
N ARG C 204 -16.76 -42.61 -24.56
CA ARG C 204 -17.86 -42.05 -25.35
C ARG C 204 -17.92 -40.53 -25.31
N PHE C 205 -17.65 -39.92 -24.15
CA PHE C 205 -17.72 -38.49 -24.00
C PHE C 205 -16.66 -37.75 -24.80
N LYS C 206 -15.44 -38.30 -24.85
CA LYS C 206 -14.32 -37.72 -25.58
C LYS C 206 -14.23 -38.42 -26.89
N VAL C 207 -14.36 -37.68 -27.98
CA VAL C 207 -14.14 -38.24 -29.30
C VAL C 207 -12.91 -37.60 -29.89
N VAL C 208 -11.90 -38.40 -30.17
CA VAL C 208 -10.64 -37.87 -30.70
C VAL C 208 -10.67 -37.93 -32.23
N LEU C 209 -10.59 -36.77 -32.86
CA LEU C 209 -10.57 -36.69 -34.33
C LEU C 209 -9.15 -36.42 -34.80
#